data_1EYR
#
_entry.id   1EYR
#
_cell.length_a   43.010
_cell.length_b   69.890
_cell.length_c   157.480
_cell.angle_alpha   90.00
_cell.angle_beta   90.00
_cell.angle_gamma   90.00
#
_symmetry.space_group_name_H-M   'P 21 21 21'
#
loop_
_entity.id
_entity.type
_entity.pdbx_description
1 polymer 'CMP-N-ACETYLNEURAMINIC ACID SYNTHETASE'
2 non-polymer "CYTIDINE-5'-DIPHOSPHATE"
3 water water
#
_entity_poly.entity_id   1
_entity_poly.type   'polypeptide(L)'
_entity_poly.pdbx_seq_one_letter_code
;(MSE)EKQNIAVILARQNSKGLPLKNLRK(MSE)NGISLLGHTINAAISSKCFDRIIVSTDGGLIAEEAKNFGVEVVLRP
AELASDTASSISGVIHALETIGSNSGTVTLLQPTSPLRTGAHIREAFSLFDEKIKGSVVSACP(MSE)EHHPLKTLLQIN
NGEYAP(MSE)RHLSDLEQPRQQLPQAFRPNGAIYINDTASLIANNCFFIAPTKLYI(MSE)SHQDSIDIDTELDLQQAE
NILNHKES
;
_entity_poly.pdbx_strand_id   A,B
#
loop_
_chem_comp.id
_chem_comp.type
_chem_comp.name
_chem_comp.formula
CDP non-polymer CYTIDINE-5'-DIPHOSPHATE 'C9 H15 N3 O11 P2'
#
# COMPACT_ATOMS: atom_id res chain seq x y z
N MSE A 1 -2.74 43.98 -3.81
CA MSE A 1 -1.49 43.22 -3.54
C MSE A 1 -1.09 42.43 -4.78
O MSE A 1 -1.87 41.62 -5.27
CB MSE A 1 -1.73 42.26 -2.38
CG MSE A 1 -0.51 41.50 -1.92
SE MSE A 1 -0.90 40.33 -0.60
CE MSE A 1 -1.58 41.45 0.62
N GLU A 2 0.13 42.65 -5.27
CA GLU A 2 0.61 41.93 -6.46
C GLU A 2 0.78 40.43 -6.17
N LYS A 3 0.51 39.59 -7.17
CA LYS A 3 0.67 38.15 -7.00
C LYS A 3 2.13 37.76 -6.71
N GLN A 4 2.31 36.78 -5.84
CA GLN A 4 3.64 36.27 -5.49
C GLN A 4 3.58 34.76 -5.34
N ASN A 5 4.60 34.07 -5.86
CA ASN A 5 4.67 32.63 -5.73
C ASN A 5 5.45 32.41 -4.42
N ILE A 6 4.79 31.81 -3.45
CA ILE A 6 5.40 31.57 -2.14
C ILE A 6 5.65 30.08 -1.87
N ALA A 7 6.78 29.79 -1.27
CA ALA A 7 7.10 28.42 -0.92
C ALA A 7 7.10 28.41 0.61
N VAL A 8 6.37 27.46 1.21
CA VAL A 8 6.37 27.37 2.67
C VAL A 8 6.93 26.02 3.07
N ILE A 9 7.92 26.05 3.94
CA ILE A 9 8.55 24.84 4.43
C ILE A 9 8.33 24.79 5.93
N LEU A 10 7.43 23.89 6.33
CA LEU A 10 7.13 23.70 7.73
C LEU A 10 8.20 22.80 8.32
N ALA A 11 8.96 23.34 9.27
CA ALA A 11 10.00 22.53 9.89
C ALA A 11 10.11 22.76 11.40
N ARG A 12 9.30 22.03 12.15
CA ARG A 12 9.34 22.11 13.61
C ARG A 12 10.70 21.52 13.99
N GLN A 13 11.25 21.99 15.10
CA GLN A 13 12.57 21.56 15.51
C GLN A 13 12.67 20.15 16.08
N ASN A 14 11.67 19.78 16.87
CA ASN A 14 11.62 18.46 17.52
C ASN A 14 10.82 17.43 16.76
N SER A 15 11.15 16.17 17.01
CA SER A 15 10.46 15.05 16.39
C SER A 15 10.43 13.89 17.38
N LYS A 16 9.28 13.23 17.50
CA LYS A 16 9.17 12.10 18.41
C LYS A 16 9.64 10.85 17.69
N GLY A 17 10.01 11.00 16.42
CA GLY A 17 10.48 9.84 15.68
C GLY A 17 11.99 9.83 15.69
N LEU A 18 12.56 10.65 14.81
CA LEU A 18 13.99 10.78 14.67
C LEU A 18 14.28 12.13 15.33
N PRO A 19 15.02 12.13 16.46
CA PRO A 19 15.34 13.38 17.14
C PRO A 19 15.99 14.46 16.27
N LEU A 20 15.47 15.70 16.37
CA LEU A 20 15.99 16.85 15.59
C LEU A 20 16.10 16.45 14.12
N LYS A 21 15.11 15.69 13.67
CA LYS A 21 15.04 15.18 12.31
C LYS A 21 15.35 16.16 11.19
N ASN A 22 14.73 17.33 11.23
CA ASN A 22 14.94 18.31 10.17
C ASN A 22 16.35 18.85 10.08
N LEU A 23 17.12 18.68 11.15
CA LEU A 23 18.50 19.14 11.14
C LEU A 23 19.47 17.98 10.81
N ARG A 24 18.96 16.76 10.74
CA ARG A 24 19.84 15.64 10.43
C ARG A 24 20.45 15.74 9.03
N LYS A 25 21.77 15.58 8.96
CA LYS A 25 22.48 15.68 7.71
C LYS A 25 22.38 14.42 6.85
N MSE A 26 22.41 14.63 5.55
CA MSE A 26 22.37 13.57 4.56
C MSE A 26 23.36 14.04 3.50
O MSE A 26 23.06 14.94 2.73
CB MSE A 26 20.97 13.44 3.97
CG MSE A 26 20.92 12.52 2.77
SE MSE A 26 19.23 12.41 2.13
CE MSE A 26 19.34 13.35 0.65
N ASN A 27 24.54 13.42 3.49
CA ASN A 27 25.62 13.76 2.57
C ASN A 27 26.07 15.20 2.76
N GLY A 28 26.26 15.56 4.03
CA GLY A 28 26.75 16.88 4.38
C GLY A 28 25.75 18.02 4.51
N ILE A 29 24.52 17.81 4.08
CA ILE A 29 23.49 18.84 4.13
C ILE A 29 22.25 18.38 4.90
N SER A 30 21.80 19.20 5.85
CA SER A 30 20.63 18.85 6.65
C SER A 30 19.42 18.61 5.76
N LEU A 31 18.44 17.85 6.26
CA LEU A 31 17.22 17.60 5.50
C LEU A 31 16.61 18.94 5.09
N LEU A 32 16.55 19.86 6.06
CA LEU A 32 16.00 21.19 5.78
C LEU A 32 16.71 21.83 4.60
N GLY A 33 18.05 21.81 4.65
CA GLY A 33 18.86 22.38 3.58
C GLY A 33 18.57 21.80 2.20
N HIS A 34 18.40 20.49 2.11
CA HIS A 34 18.10 19.87 0.82
C HIS A 34 16.83 20.46 0.22
N THR A 35 15.81 20.61 1.06
CA THR A 35 14.54 21.13 0.58
C THR A 35 14.64 22.62 0.24
N ILE A 36 15.40 23.39 1.02
CA ILE A 36 15.57 24.79 0.70
C ILE A 36 16.28 24.88 -0.65
N ASN A 37 17.33 24.07 -0.82
CA ASN A 37 18.09 24.07 -2.08
C ASN A 37 17.17 23.78 -3.27
N ALA A 38 16.28 22.81 -3.09
CA ALA A 38 15.34 22.45 -4.15
C ALA A 38 14.43 23.62 -4.47
N ALA A 39 14.01 24.36 -3.46
CA ALA A 39 13.11 25.49 -3.66
C ALA A 39 13.85 26.59 -4.39
N ILE A 40 15.09 26.83 -3.99
CA ILE A 40 15.91 27.87 -4.62
C ILE A 40 16.24 27.53 -6.07
N SER A 41 16.79 26.34 -6.28
CA SER A 41 17.18 25.92 -7.62
C SER A 41 16.02 25.78 -8.59
N SER A 42 14.80 25.58 -8.09
CA SER A 42 13.63 25.47 -8.96
C SER A 42 13.36 26.80 -9.67
N LYS A 43 13.68 27.89 -8.98
CA LYS A 43 13.48 29.24 -9.48
C LYS A 43 12.00 29.55 -9.73
N CYS A 44 11.14 28.82 -9.01
CA CYS A 44 9.70 28.99 -9.14
C CYS A 44 9.07 29.97 -8.16
N PHE A 45 9.83 30.37 -7.14
CA PHE A 45 9.28 31.23 -6.10
C PHE A 45 9.87 32.62 -5.97
N ASP A 46 9.05 33.57 -5.56
CA ASP A 46 9.47 34.94 -5.34
C ASP A 46 9.93 35.00 -3.89
N ARG A 47 9.36 34.13 -3.06
CA ARG A 47 9.70 34.08 -1.66
C ARG A 47 9.69 32.65 -1.14
N ILE A 48 10.64 32.37 -0.26
CA ILE A 48 10.78 31.06 0.34
C ILE A 48 10.78 31.29 1.84
N ILE A 49 9.77 30.74 2.50
CA ILE A 49 9.65 30.88 3.94
C ILE A 49 9.82 29.53 4.63
N VAL A 50 10.55 29.52 5.75
CA VAL A 50 10.70 28.31 6.55
C VAL A 50 9.98 28.66 7.84
N SER A 51 8.95 27.87 8.18
CA SER A 51 8.18 28.12 9.39
C SER A 51 8.61 27.15 10.46
N THR A 52 9.00 27.69 11.62
CA THR A 52 9.47 26.82 12.68
C THR A 52 9.25 27.36 14.08
N ASP A 53 9.49 26.49 15.07
CA ASP A 53 9.33 26.86 16.46
C ASP A 53 10.69 26.93 17.17
N GLY A 54 11.76 26.53 16.50
CA GLY A 54 13.07 26.55 17.15
C GLY A 54 14.22 27.38 16.55
N GLY A 55 15.11 27.80 17.44
CA GLY A 55 16.24 28.61 17.07
C GLY A 55 17.26 27.93 16.17
N LEU A 56 17.48 26.65 16.36
CA LEU A 56 18.45 25.93 15.55
C LEU A 56 17.94 25.84 14.11
N ILE A 57 16.64 25.64 13.93
CA ILE A 57 16.06 25.58 12.60
C ILE A 57 16.15 26.96 11.94
N ALA A 58 15.76 27.98 12.70
CA ALA A 58 15.79 29.35 12.19
C ALA A 58 17.18 29.75 11.73
N GLU A 59 18.17 29.41 12.54
CA GLU A 59 19.57 29.71 12.22
C GLU A 59 19.99 29.02 10.92
N GLU A 60 19.61 27.75 10.79
CA GLU A 60 19.93 26.96 9.59
C GLU A 60 19.29 27.61 8.36
N ALA A 61 18.01 27.92 8.45
CA ALA A 61 17.26 28.55 7.36
C ALA A 61 17.91 29.87 6.96
N LYS A 62 18.32 30.65 7.96
CA LYS A 62 18.94 31.94 7.64
C LYS A 62 20.24 31.77 6.87
N ASN A 63 21.01 30.72 7.20
CA ASN A 63 22.26 30.46 6.51
C ASN A 63 22.01 30.16 5.06
N PHE A 64 20.79 29.74 4.73
CA PHE A 64 20.47 29.46 3.33
C PHE A 64 19.90 30.67 2.63
N GLY A 65 19.80 31.79 3.35
CA GLY A 65 19.29 33.01 2.74
C GLY A 65 17.79 33.05 2.51
N VAL A 66 17.02 32.39 3.36
CA VAL A 66 15.56 32.41 3.18
C VAL A 66 14.92 33.01 4.42
N GLU A 67 13.63 33.32 4.31
CA GLU A 67 12.87 33.92 5.39
C GLU A 67 12.45 32.90 6.44
N VAL A 68 12.28 33.38 7.66
CA VAL A 68 11.88 32.53 8.77
C VAL A 68 10.60 33.08 9.44
N VAL A 69 9.65 32.20 9.67
CA VAL A 69 8.41 32.57 10.36
C VAL A 69 8.41 31.77 11.66
N LEU A 70 8.12 32.43 12.77
CA LEU A 70 8.09 31.73 14.05
C LEU A 70 6.69 31.30 14.41
N ARG A 71 6.54 30.00 14.65
CA ARG A 71 5.26 29.43 15.00
C ARG A 71 5.05 29.27 16.50
N PRO A 72 3.82 29.55 16.97
CA PRO A 72 3.48 29.43 18.39
C PRO A 72 3.55 27.92 18.71
N ALA A 73 3.71 27.58 19.98
CA ALA A 73 3.81 26.19 20.38
C ALA A 73 2.62 25.40 19.86
N GLU A 74 1.44 26.00 19.92
CA GLU A 74 0.22 25.34 19.49
C GLU A 74 0.23 24.96 18.00
N LEU A 75 0.89 25.76 17.17
CA LEU A 75 0.92 25.44 15.75
C LEU A 75 2.06 24.50 15.40
N ALA A 76 2.88 24.19 16.39
CA ALA A 76 3.99 23.28 16.20
C ALA A 76 3.78 21.98 16.95
N SER A 77 2.67 21.88 17.68
CA SER A 77 2.38 20.68 18.46
C SER A 77 2.19 19.49 17.53
N ASP A 78 2.17 18.31 18.15
CA ASP A 78 2.02 17.05 17.46
C ASP A 78 0.64 16.90 16.78
N THR A 79 -0.33 17.69 17.23
CA THR A 79 -1.68 17.65 16.64
C THR A 79 -1.89 18.78 15.60
N ALA A 80 -1.03 19.79 15.61
CA ALA A 80 -1.18 20.92 14.68
C ALA A 80 -1.18 20.45 13.22
N SER A 81 -2.20 20.87 12.48
CA SER A 81 -2.32 20.50 11.08
C SER A 81 -1.32 21.30 10.24
N SER A 82 -0.88 20.75 9.11
CA SER A 82 0.04 21.47 8.25
C SER A 82 -0.65 22.69 7.62
N ILE A 83 -1.94 22.55 7.28
CA ILE A 83 -2.66 23.66 6.67
C ILE A 83 -2.70 24.87 7.61
N SER A 84 -2.93 24.65 8.89
CA SER A 84 -2.97 25.79 9.81
C SER A 84 -1.59 26.44 9.83
N GLY A 85 -0.55 25.64 9.65
CA GLY A 85 0.80 26.17 9.63
C GLY A 85 1.06 27.01 8.40
N VAL A 86 0.53 26.58 7.26
CA VAL A 86 0.72 27.33 6.03
C VAL A 86 -0.09 28.63 6.07
N ILE A 87 -1.32 28.55 6.58
CA ILE A 87 -2.17 29.74 6.69
C ILE A 87 -1.45 30.77 7.56
N HIS A 88 -0.90 30.31 8.67
CA HIS A 88 -0.18 31.17 9.57
C HIS A 88 1.02 31.82 8.89
N ALA A 89 1.75 31.04 8.07
CA ALA A 89 2.90 31.59 7.35
C ALA A 89 2.46 32.73 6.43
N LEU A 90 1.41 32.50 5.64
CA LEU A 90 0.91 33.53 4.74
C LEU A 90 0.42 34.76 5.49
N GLU A 91 -0.25 34.55 6.62
CA GLU A 91 -0.75 35.67 7.42
C GLU A 91 0.39 36.49 8.01
N THR A 92 1.43 35.80 8.45
CA THR A 92 2.59 36.47 9.02
C THR A 92 3.28 37.33 7.95
N ILE A 93 3.51 36.82 6.75
CA ILE A 93 4.16 37.66 5.74
C ILE A 93 3.17 38.58 5.03
N GLY A 94 1.88 38.31 5.19
CA GLY A 94 0.87 39.14 4.56
C GLY A 94 0.58 38.87 3.08
N SER A 95 0.73 37.64 2.65
CA SER A 95 0.44 37.30 1.25
C SER A 95 -0.88 36.55 1.16
N ASN A 96 -1.76 37.00 0.27
CA ASN A 96 -3.02 36.31 0.09
C ASN A 96 -3.35 36.19 -1.40
N SER A 97 -2.34 36.36 -2.24
CA SER A 97 -2.55 36.28 -3.69
C SER A 97 -1.35 35.78 -4.48
N GLY A 98 -1.59 34.78 -5.33
CA GLY A 98 -0.55 34.20 -6.14
C GLY A 98 -0.63 32.70 -5.96
N THR A 99 0.49 32.06 -5.65
CA THR A 99 0.47 30.62 -5.42
C THR A 99 1.28 30.33 -4.15
N VAL A 100 0.91 29.27 -3.44
CA VAL A 100 1.62 28.87 -2.24
C VAL A 100 1.93 27.39 -2.37
N THR A 101 3.17 27.02 -2.05
CA THR A 101 3.57 25.63 -2.19
C THR A 101 4.22 25.08 -0.95
N LEU A 102 3.66 23.96 -0.48
CA LEU A 102 4.17 23.29 0.69
C LEU A 102 5.26 22.33 0.20
N LEU A 103 6.43 22.43 0.80
CA LEU A 103 7.55 21.56 0.45
C LEU A 103 8.08 20.98 1.76
N GLN A 104 7.73 19.73 2.05
CA GLN A 104 8.16 19.09 3.29
C GLN A 104 9.63 18.66 3.29
N PRO A 105 10.37 19.01 4.35
CA PRO A 105 11.79 18.63 4.45
C PRO A 105 11.98 17.11 4.52
N THR A 106 10.91 16.38 4.75
CA THR A 106 11.00 14.92 4.84
C THR A 106 11.11 14.21 3.50
N SER A 107 11.10 14.98 2.42
CA SER A 107 11.22 14.43 1.06
C SER A 107 12.51 15.02 0.46
N PRO A 108 13.67 14.59 0.96
CA PRO A 108 14.95 15.12 0.46
C PRO A 108 15.32 14.80 -0.98
N LEU A 109 14.70 13.79 -1.56
CA LEU A 109 15.02 13.45 -2.94
C LEU A 109 14.15 14.19 -3.94
N ARG A 110 13.26 15.06 -3.44
CA ARG A 110 12.43 15.86 -4.35
C ARG A 110 13.26 17.10 -4.69
N THR A 111 13.67 17.20 -5.95
CA THR A 111 14.54 18.28 -6.40
C THR A 111 13.92 19.55 -6.97
N GLY A 112 14.81 20.48 -7.27
CA GLY A 112 14.41 21.73 -7.87
C GLY A 112 13.74 21.46 -9.20
N ALA A 113 14.27 20.49 -9.95
CA ALA A 113 13.71 20.13 -11.24
C ALA A 113 12.32 19.52 -11.06
N HIS A 114 12.15 18.68 -10.04
CA HIS A 114 10.84 18.08 -9.78
C HIS A 114 9.78 19.15 -9.59
N ILE A 115 10.15 20.17 -8.83
CA ILE A 115 9.28 21.28 -8.53
C ILE A 115 8.93 22.03 -9.80
N ARG A 116 9.94 22.32 -10.61
CA ARG A 116 9.75 23.05 -11.85
C ARG A 116 8.74 22.32 -12.73
N GLU A 117 8.93 21.01 -12.87
CA GLU A 117 8.02 20.21 -13.68
C GLU A 117 6.60 20.23 -13.12
N ALA A 118 6.47 20.17 -11.79
CA ALA A 118 5.15 20.20 -11.16
C ALA A 118 4.44 21.51 -11.42
N PHE A 119 5.19 22.60 -11.47
CA PHE A 119 4.62 23.92 -11.70
C PHE A 119 4.06 24.07 -13.11
N SER A 120 4.69 23.37 -14.06
CA SER A 120 4.28 23.43 -15.45
C SER A 120 2.87 22.87 -15.62
N LEU A 121 2.40 22.14 -14.61
CA LEU A 121 1.07 21.53 -14.63
C LEU A 121 0.03 22.45 -14.02
N PHE A 122 0.48 23.42 -13.22
CA PHE A 122 -0.46 24.34 -12.58
C PHE A 122 -1.12 25.23 -13.64
N ASP A 123 -2.44 25.35 -13.54
CA ASP A 123 -3.23 26.17 -14.45
C ASP A 123 -3.76 27.38 -13.67
N GLU A 124 -3.16 28.55 -13.89
CA GLU A 124 -3.57 29.74 -13.17
C GLU A 124 -4.95 30.26 -13.51
N LYS A 125 -5.60 29.61 -14.48
CA LYS A 125 -6.95 29.97 -14.86
C LYS A 125 -7.90 29.09 -14.03
N ILE A 126 -7.74 27.79 -14.13
CA ILE A 126 -8.58 26.84 -13.40
C ILE A 126 -8.30 26.85 -11.88
N LYS A 127 -7.03 27.03 -11.53
CA LYS A 127 -6.62 27.11 -10.13
C LYS A 127 -6.77 25.85 -9.29
N GLY A 128 -6.68 24.68 -9.91
CA GLY A 128 -6.77 23.44 -9.17
C GLY A 128 -5.40 23.11 -8.59
N SER A 129 -5.35 22.21 -7.61
CA SER A 129 -4.09 21.84 -6.96
C SER A 129 -3.18 20.99 -7.83
N VAL A 130 -1.89 21.02 -7.53
CA VAL A 130 -0.94 20.17 -8.24
C VAL A 130 -0.22 19.49 -7.09
N VAL A 131 -0.38 18.18 -7.00
CA VAL A 131 0.21 17.38 -5.94
C VAL A 131 1.10 16.25 -6.48
N SER A 132 2.30 16.12 -5.93
CA SER A 132 3.19 15.06 -6.37
C SER A 132 2.71 13.75 -5.76
N ALA A 133 2.75 12.70 -6.56
CA ALA A 133 2.29 11.39 -6.12
C ALA A 133 3.14 10.30 -6.75
N CYS A 134 2.99 9.08 -6.25
CA CYS A 134 3.73 7.97 -6.79
C CYS A 134 2.80 6.77 -6.88
N PRO A 135 3.17 5.77 -7.70
CA PRO A 135 2.33 4.58 -7.85
C PRO A 135 2.24 3.76 -6.57
N MSE A 136 1.15 3.02 -6.45
CA MSE A 136 0.90 2.15 -5.29
C MSE A 136 1.40 0.74 -5.57
O MSE A 136 1.27 0.24 -6.69
CB MSE A 136 -0.60 2.11 -5.02
CG MSE A 136 -1.25 3.43 -4.63
SE MSE A 136 -1.17 3.64 -2.85
CE MSE A 136 -2.47 2.61 -2.25
N GLU A 137 1.95 0.09 -4.55
CA GLU A 137 2.43 -1.28 -4.70
C GLU A 137 1.19 -2.19 -4.71
N HIS A 138 0.27 -1.92 -3.79
CA HIS A 138 -0.98 -2.68 -3.68
C HIS A 138 -2.10 -1.79 -4.18
N HIS A 139 -2.86 -2.29 -5.14
CA HIS A 139 -3.95 -1.50 -5.69
C HIS A 139 -5.01 -1.22 -4.63
N PRO A 140 -5.36 0.06 -4.44
CA PRO A 140 -6.37 0.48 -3.45
C PRO A 140 -7.79 -0.04 -3.66
N LEU A 141 -8.11 -0.46 -4.89
CA LEU A 141 -9.43 -1.00 -5.16
C LEU A 141 -9.49 -2.45 -4.65
N LYS A 142 -8.32 -3.07 -4.50
CA LYS A 142 -8.26 -4.44 -4.00
C LYS A 142 -8.17 -4.44 -2.48
N THR A 143 -9.13 -3.78 -1.83
CA THR A 143 -9.18 -3.71 -0.38
C THR A 143 -10.64 -3.66 0.08
N LEU A 144 -10.84 -3.74 1.39
CA LEU A 144 -12.15 -3.67 1.99
C LEU A 144 -12.05 -2.78 3.24
N LEU A 145 -13.13 -2.10 3.58
CA LEU A 145 -13.14 -1.21 4.74
C LEU A 145 -13.98 -1.78 5.86
N GLN A 146 -13.47 -1.67 7.08
CA GLN A 146 -14.17 -2.17 8.26
C GLN A 146 -15.38 -1.28 8.55
N ILE A 147 -16.53 -1.91 8.78
CA ILE A 147 -17.76 -1.18 9.05
C ILE A 147 -18.16 -1.30 10.52
N ASN A 148 -18.24 -2.53 11.03
CA ASN A 148 -18.63 -2.73 12.41
C ASN A 148 -17.93 -3.91 13.09
N ASN A 149 -16.79 -3.65 13.72
CA ASN A 149 -16.03 -4.69 14.44
C ASN A 149 -15.60 -5.84 13.53
N GLY A 150 -16.52 -6.74 13.22
CA GLY A 150 -16.18 -7.87 12.37
C GLY A 150 -16.92 -7.88 11.04
N GLU A 151 -17.23 -6.70 10.52
CA GLU A 151 -17.93 -6.60 9.25
C GLU A 151 -17.16 -5.68 8.31
N TYR A 152 -16.96 -6.11 7.07
CA TYR A 152 -16.22 -5.32 6.10
C TYR A 152 -16.95 -5.19 4.77
N ALA A 153 -16.51 -4.24 3.96
CA ALA A 153 -17.11 -4.02 2.66
C ALA A 153 -16.01 -3.65 1.67
N PRO A 154 -16.10 -4.14 0.43
CA PRO A 154 -15.07 -3.80 -0.56
C PRO A 154 -15.02 -2.30 -0.88
N MSE A 155 -13.82 -1.83 -1.21
CA MSE A 155 -13.61 -0.43 -1.55
C MSE A 155 -14.63 0.00 -2.61
O MSE A 155 -15.27 1.03 -2.50
CB MSE A 155 -12.19 -0.24 -2.10
CG MSE A 155 -11.88 1.17 -2.56
SE MSE A 155 -12.17 2.35 -1.24
CE MSE A 155 -10.73 2.05 -0.20
N ARG A 156 -14.78 -0.82 -3.65
CA ARG A 156 -15.71 -0.54 -4.72
C ARG A 156 -16.53 -1.78 -5.07
N HIS A 157 -16.04 -2.55 -6.04
CA HIS A 157 -16.74 -3.76 -6.47
C HIS A 157 -16.08 -5.00 -5.83
N LEU A 158 -16.89 -5.97 -5.44
CA LEU A 158 -16.35 -7.19 -4.84
C LEU A 158 -15.50 -7.89 -5.91
N SER A 159 -15.93 -7.75 -7.17
CA SER A 159 -15.23 -8.36 -8.31
C SER A 159 -13.87 -7.74 -8.55
N ASP A 160 -13.68 -6.49 -8.10
CA ASP A 160 -12.39 -5.81 -8.25
C ASP A 160 -11.28 -6.58 -7.54
N LEU A 161 -11.64 -7.23 -6.44
CA LEU A 161 -10.65 -8.00 -5.68
C LEU A 161 -9.97 -9.07 -6.51
N GLU A 162 -10.69 -9.64 -7.48
CA GLU A 162 -10.12 -10.67 -8.33
C GLU A 162 -9.66 -10.16 -9.70
N GLN A 163 -9.99 -8.92 -10.02
CA GLN A 163 -9.61 -8.31 -11.29
C GLN A 163 -8.09 -8.17 -11.44
N PRO A 164 -7.55 -8.46 -12.64
CA PRO A 164 -6.11 -8.33 -12.85
C PRO A 164 -5.71 -6.86 -12.86
N ARG A 165 -4.64 -6.52 -12.15
CA ARG A 165 -4.18 -5.13 -12.07
C ARG A 165 -4.27 -4.36 -13.39
N GLN A 166 -3.78 -4.95 -14.47
CA GLN A 166 -3.79 -4.32 -15.79
C GLN A 166 -5.17 -3.88 -16.27
N GLN A 167 -6.22 -4.49 -15.75
CA GLN A 167 -7.57 -4.15 -16.15
C GLN A 167 -8.26 -3.19 -15.19
N LEU A 168 -7.49 -2.65 -14.24
CA LEU A 168 -8.02 -1.69 -13.28
C LEU A 168 -7.36 -0.35 -13.53
N PRO A 169 -8.07 0.74 -13.22
CA PRO A 169 -7.54 2.09 -13.42
C PRO A 169 -6.24 2.26 -12.61
N GLN A 170 -5.27 2.97 -13.19
CA GLN A 170 -4.00 3.18 -12.50
C GLN A 170 -4.23 4.00 -11.23
N ALA A 171 -3.63 3.55 -10.13
CA ALA A 171 -3.79 4.23 -8.84
C ALA A 171 -2.53 4.96 -8.38
N PHE A 172 -2.72 6.06 -7.67
CA PHE A 172 -1.59 6.84 -7.17
C PHE A 172 -1.89 7.44 -5.81
N ARG A 173 -0.84 7.72 -5.04
CA ARG A 173 -1.02 8.32 -3.73
C ARG A 173 -0.08 9.50 -3.58
N PRO A 174 -0.57 10.60 -2.98
CA PRO A 174 0.30 11.77 -2.80
C PRO A 174 1.53 11.34 -1.99
N ASN A 175 2.70 11.85 -2.33
CA ASN A 175 3.89 11.44 -1.59
C ASN A 175 4.33 12.43 -0.52
N GLY A 176 3.61 13.53 -0.38
CA GLY A 176 3.96 14.54 0.62
C GLY A 176 5.08 15.49 0.22
N ALA A 177 5.63 15.33 -0.98
CA ALA A 177 6.74 16.17 -1.40
C ALA A 177 6.35 17.57 -1.88
N ILE A 178 5.28 17.66 -2.66
CA ILE A 178 4.84 18.93 -3.26
C ILE A 178 3.32 19.14 -3.27
N TYR A 179 2.88 20.31 -2.86
CA TYR A 179 1.46 20.66 -2.93
C TYR A 179 1.46 22.11 -3.39
N ILE A 180 0.97 22.32 -4.59
CA ILE A 180 0.93 23.65 -5.19
C ILE A 180 -0.51 24.10 -5.28
N ASN A 181 -0.83 25.27 -4.73
CA ASN A 181 -2.18 25.80 -4.78
C ASN A 181 -2.24 27.30 -5.05
N ASP A 182 -3.37 27.73 -5.62
CA ASP A 182 -3.62 29.13 -5.81
C ASP A 182 -3.78 29.59 -4.34
N THR A 183 -3.14 30.68 -3.96
CA THR A 183 -3.22 31.15 -2.58
C THR A 183 -4.61 31.54 -2.11
N ALA A 184 -5.35 32.29 -2.91
CA ALA A 184 -6.69 32.69 -2.54
C ALA A 184 -7.56 31.45 -2.27
N SER A 185 -7.46 30.47 -3.16
CA SER A 185 -8.23 29.24 -3.06
C SER A 185 -7.90 28.48 -1.77
N LEU A 186 -6.60 28.32 -1.50
CA LEU A 186 -6.10 27.64 -0.32
C LEU A 186 -6.67 28.31 0.94
N ILE A 187 -6.61 29.64 0.99
CA ILE A 187 -7.14 30.34 2.16
C ILE A 187 -8.65 30.13 2.33
N ALA A 188 -9.40 30.24 1.24
CA ALA A 188 -10.85 30.06 1.33
C ALA A 188 -11.27 28.63 1.61
N ASN A 189 -10.58 27.66 1.01
CA ASN A 189 -10.93 26.26 1.18
C ASN A 189 -10.37 25.63 2.45
N ASN A 190 -9.29 26.21 2.97
CA ASN A 190 -8.59 25.72 4.15
C ASN A 190 -8.21 24.25 4.01
N CYS A 191 -7.56 23.93 2.91
CA CYS A 191 -7.12 22.56 2.62
C CYS A 191 -6.16 22.58 1.42
N PHE A 192 -5.40 21.52 1.28
CA PHE A 192 -4.40 21.40 0.21
C PHE A 192 -4.92 20.80 -1.10
N PHE A 193 -6.06 20.10 -1.05
CA PHE A 193 -6.65 19.47 -2.23
C PHE A 193 -7.89 20.20 -2.68
N ILE A 194 -7.74 20.86 -3.83
CA ILE A 194 -8.79 21.68 -4.43
C ILE A 194 -9.01 21.20 -5.87
N ALA A 195 -10.27 20.97 -6.22
CA ALA A 195 -10.61 20.50 -7.57
C ALA A 195 -10.43 21.60 -8.61
N PRO A 196 -9.97 21.25 -9.82
CA PRO A 196 -9.55 19.89 -10.18
C PRO A 196 -8.08 19.64 -9.86
N THR A 197 -7.81 18.66 -9.00
CA THR A 197 -6.43 18.35 -8.60
C THR A 197 -5.65 17.57 -9.65
N LYS A 198 -4.52 18.11 -10.07
CA LYS A 198 -3.66 17.45 -11.04
C LYS A 198 -2.52 16.74 -10.29
N LEU A 199 -2.05 15.62 -10.81
CA LEU A 199 -0.97 14.92 -10.14
C LEU A 199 0.33 15.01 -10.93
N TYR A 200 1.42 15.20 -10.21
CA TYR A 200 2.74 15.24 -10.80
C TYR A 200 3.35 13.93 -10.34
N ILE A 201 3.49 13.00 -11.26
CA ILE A 201 4.02 11.68 -10.95
C ILE A 201 5.51 11.62 -10.69
N MSE A 202 5.88 10.94 -9.62
CA MSE A 202 7.28 10.79 -9.25
C MSE A 202 7.47 9.30 -8.95
O MSE A 202 6.51 8.61 -8.67
CB MSE A 202 7.62 11.61 -7.99
CG MSE A 202 7.57 13.10 -8.19
SE MSE A 202 7.92 14.06 -6.67
CE MSE A 202 9.61 13.56 -6.31
N SER A 203 8.71 8.83 -9.03
CA SER A 203 8.99 7.42 -8.76
C SER A 203 9.03 7.16 -7.26
N HIS A 204 8.98 5.88 -6.90
CA HIS A 204 9.05 5.44 -5.51
C HIS A 204 10.35 5.91 -4.90
N GLN A 205 11.43 5.76 -5.66
CA GLN A 205 12.75 6.12 -5.23
C GLN A 205 12.85 7.60 -4.84
N ASP A 206 12.39 8.49 -5.71
CA ASP A 206 12.45 9.93 -5.43
C ASP A 206 11.40 10.38 -4.41
N SER A 207 10.47 9.49 -4.10
CA SER A 207 9.39 9.81 -3.18
C SER A 207 9.68 9.36 -1.75
N ILE A 208 10.90 8.90 -1.50
CA ILE A 208 11.24 8.45 -0.16
C ILE A 208 10.90 9.50 0.89
N ASP A 209 10.24 9.06 1.95
CA ASP A 209 9.82 9.93 3.05
C ASP A 209 10.77 9.61 4.20
N ILE A 210 11.25 10.61 4.93
CA ILE A 210 12.15 10.34 6.04
C ILE A 210 11.40 10.28 7.36
N ASP A 211 11.35 9.09 7.92
CA ASP A 211 10.69 8.91 9.20
C ASP A 211 11.64 8.21 10.19
N THR A 212 12.54 7.37 9.67
CA THR A 212 13.48 6.63 10.51
C THR A 212 14.94 6.70 10.06
N GLU A 213 15.83 6.30 10.96
CA GLU A 213 17.27 6.27 10.70
C GLU A 213 17.54 5.49 9.41
N LEU A 214 16.78 4.40 9.21
CA LEU A 214 16.94 3.59 8.01
C LEU A 214 16.57 4.32 6.73
N ASP A 215 15.52 5.15 6.80
CA ASP A 215 15.09 5.90 5.63
C ASP A 215 16.20 6.83 5.19
N LEU A 216 16.86 7.42 6.19
CA LEU A 216 17.96 8.34 5.99
C LEU A 216 19.13 7.65 5.28
N GLN A 217 19.41 6.41 5.66
CA GLN A 217 20.48 5.65 5.02
C GLN A 217 20.10 5.36 3.59
N GLN A 218 18.88 4.90 3.41
CA GLN A 218 18.39 4.57 2.08
C GLN A 218 18.48 5.80 1.19
N ALA A 219 18.14 6.96 1.75
CA ALA A 219 18.20 8.21 1.00
C ALA A 219 19.64 8.54 0.61
N GLU A 220 20.57 8.40 1.54
CA GLU A 220 21.97 8.67 1.23
C GLU A 220 22.49 7.68 0.20
N ASN A 221 22.04 6.43 0.28
CA ASN A 221 22.46 5.41 -0.67
C ASN A 221 21.99 5.76 -2.06
N ILE A 222 20.74 6.21 -2.18
CA ILE A 222 20.20 6.57 -3.48
C ILE A 222 20.97 7.74 -4.07
N LEU A 223 21.37 8.69 -3.22
CA LEU A 223 22.15 9.83 -3.72
C LEU A 223 23.54 9.36 -4.10
N ASN A 224 24.19 8.60 -3.20
CA ASN A 224 25.53 8.09 -3.45
C ASN A 224 25.56 7.09 -4.61
N HIS A 225 24.61 7.24 -5.54
CA HIS A 225 24.52 6.37 -6.70
C HIS A 225 24.80 7.18 -7.97
N MSE B 1 -24.69 -36.87 -1.96
CA MSE B 1 -23.26 -36.88 -1.65
C MSE B 1 -22.99 -36.11 -0.36
O MSE B 1 -23.33 -34.93 -0.25
CB MSE B 1 -22.45 -36.25 -2.79
CG MSE B 1 -20.93 -36.30 -2.57
SE MSE B 1 -19.99 -35.16 -3.62
CE MSE B 1 -20.43 -35.75 -5.26
N GLU B 2 -22.40 -36.80 0.61
CA GLU B 2 -22.05 -36.18 1.88
C GLU B 2 -21.15 -34.97 1.66
N LYS B 3 -21.28 -33.97 2.52
CA LYS B 3 -20.47 -32.77 2.42
C LYS B 3 -19.02 -33.05 2.84
N GLN B 4 -18.08 -32.43 2.15
CA GLN B 4 -16.66 -32.61 2.51
C GLN B 4 -15.96 -31.26 2.53
N ASN B 5 -15.07 -31.10 3.49
CA ASN B 5 -14.28 -29.88 3.57
C ASN B 5 -12.98 -30.21 2.86
N ILE B 6 -12.80 -29.59 1.70
CA ILE B 6 -11.64 -29.83 0.88
C ILE B 6 -10.63 -28.72 0.80
N ALA B 7 -9.36 -29.10 0.90
CA ALA B 7 -8.30 -28.14 0.81
C ALA B 7 -7.65 -28.36 -0.56
N VAL B 8 -7.50 -27.30 -1.33
CA VAL B 8 -6.87 -27.41 -2.63
C VAL B 8 -5.65 -26.51 -2.61
N ILE B 9 -4.50 -27.12 -2.87
CA ILE B 9 -3.24 -26.41 -2.89
C ILE B 9 -2.76 -26.43 -4.34
N LEU B 10 -2.83 -25.29 -5.02
CA LEU B 10 -2.39 -25.22 -6.40
C LEU B 10 -0.88 -25.04 -6.38
N ALA B 11 -0.16 -26.02 -6.94
CA ALA B 11 1.28 -25.97 -6.96
C ALA B 11 1.87 -26.35 -8.31
N ARG B 12 1.76 -25.47 -9.29
CA ARG B 12 2.32 -25.78 -10.58
C ARG B 12 3.84 -25.75 -10.40
N GLN B 13 4.55 -26.50 -11.22
CA GLN B 13 6.00 -26.61 -11.09
C GLN B 13 6.85 -25.41 -11.48
N ASN B 14 6.49 -24.75 -12.57
CA ASN B 14 7.25 -23.58 -13.00
C ASN B 14 6.68 -22.29 -12.42
N SER B 15 7.56 -21.32 -12.21
CA SER B 15 7.16 -20.02 -11.67
C SER B 15 7.87 -18.91 -12.43
N LYS B 16 7.18 -17.79 -12.65
CA LYS B 16 7.77 -16.65 -13.36
C LYS B 16 9.10 -16.29 -12.68
N GLY B 17 9.02 -15.85 -11.43
CA GLY B 17 10.22 -15.48 -10.69
C GLY B 17 11.08 -16.67 -10.35
N LEU B 18 11.14 -17.02 -9.07
CA LEU B 18 11.94 -18.15 -8.63
C LEU B 18 11.59 -19.47 -9.35
N PRO B 19 12.58 -20.08 -10.01
CA PRO B 19 12.32 -21.34 -10.70
C PRO B 19 12.05 -22.45 -9.67
N LEU B 20 11.14 -23.36 -9.99
CA LEU B 20 10.77 -24.44 -9.06
C LEU B 20 10.49 -23.85 -7.68
N LYS B 21 9.85 -22.69 -7.67
CA LYS B 21 9.52 -21.97 -6.45
C LYS B 21 8.82 -22.79 -5.37
N ASN B 22 7.78 -23.51 -5.76
CA ASN B 22 7.01 -24.30 -4.81
C ASN B 22 7.80 -25.38 -4.10
N LEU B 23 8.97 -25.73 -4.66
CA LEU B 23 9.83 -26.73 -4.05
C LEU B 23 11.02 -26.12 -3.30
N ARG B 24 11.13 -24.79 -3.32
CA ARG B 24 12.23 -24.12 -2.63
C ARG B 24 12.09 -24.34 -1.12
N LYS B 25 13.19 -24.72 -0.49
CA LYS B 25 13.20 -24.99 0.94
C LYS B 25 13.25 -23.73 1.80
N MSE B 26 12.61 -23.83 2.95
CA MSE B 26 12.58 -22.77 3.93
C MSE B 26 12.69 -23.56 5.21
O MSE B 26 11.77 -24.29 5.59
CB MSE B 26 11.26 -21.99 3.88
CG MSE B 26 11.22 -20.80 4.83
SE MSE B 26 9.62 -19.95 4.80
CE MSE B 26 8.99 -20.40 6.42
N ASN B 27 13.83 -23.44 5.87
CA ASN B 27 14.10 -24.19 7.08
C ASN B 27 14.10 -25.68 6.76
N GLY B 28 14.60 -26.01 5.57
CA GLY B 28 14.70 -27.40 5.15
C GLY B 28 13.43 -28.07 4.69
N ILE B 29 12.32 -27.33 4.65
CA ILE B 29 11.03 -27.88 4.22
C ILE B 29 10.56 -27.04 3.05
N SER B 30 10.08 -27.68 1.99
CA SER B 30 9.63 -26.93 0.82
C SER B 30 8.41 -26.07 1.14
N LEU B 31 8.18 -25.04 0.34
CA LEU B 31 7.02 -24.16 0.52
C LEU B 31 5.78 -25.04 0.50
N LEU B 32 5.72 -25.94 -0.47
CA LEU B 32 4.60 -26.86 -0.60
C LEU B 32 4.43 -27.61 0.73
N GLY B 33 5.53 -28.16 1.24
CA GLY B 33 5.47 -28.90 2.49
C GLY B 33 4.91 -28.09 3.64
N HIS B 34 5.31 -26.83 3.75
CA HIS B 34 4.83 -25.95 4.81
C HIS B 34 3.32 -25.77 4.73
N THR B 35 2.82 -25.51 3.52
CA THR B 35 1.39 -25.32 3.39
C THR B 35 0.67 -26.64 3.64
N ILE B 36 1.24 -27.75 3.16
CA ILE B 36 0.61 -29.05 3.39
C ILE B 36 0.53 -29.32 4.90
N ASN B 37 1.60 -29.01 5.62
CA ASN B 37 1.62 -29.22 7.07
C ASN B 37 0.60 -28.34 7.75
N ALA B 38 0.36 -27.16 7.19
CA ALA B 38 -0.63 -26.25 7.77
C ALA B 38 -2.01 -26.86 7.59
N ALA B 39 -2.29 -27.38 6.41
CA ALA B 39 -3.58 -28.00 6.12
C ALA B 39 -3.83 -29.16 7.07
N ILE B 40 -2.82 -30.03 7.23
CA ILE B 40 -2.95 -31.18 8.12
C ILE B 40 -3.08 -30.80 9.57
N SER B 41 -2.20 -29.95 10.07
CA SER B 41 -2.27 -29.57 11.47
C SER B 41 -3.52 -28.76 11.82
N SER B 42 -4.23 -28.26 10.81
CA SER B 42 -5.43 -27.47 11.06
C SER B 42 -6.56 -28.39 11.48
N LYS B 43 -6.60 -29.59 10.90
CA LYS B 43 -7.65 -30.56 11.18
C LYS B 43 -9.02 -30.07 10.71
N CYS B 44 -9.02 -29.15 9.75
CA CYS B 44 -10.27 -28.60 9.24
C CYS B 44 -10.74 -29.34 8.00
N PHE B 45 -9.87 -30.15 7.40
CA PHE B 45 -10.21 -30.84 6.15
C PHE B 45 -10.39 -32.34 6.18
N ASP B 46 -11.32 -32.82 5.36
CA ASP B 46 -11.57 -34.25 5.21
C ASP B 46 -10.64 -34.72 4.10
N ARG B 47 -10.35 -33.82 3.14
CA ARG B 47 -9.49 -34.14 2.00
C ARG B 47 -8.51 -32.99 1.71
N ILE B 48 -7.26 -33.33 1.44
CA ILE B 48 -6.27 -32.33 1.08
C ILE B 48 -5.72 -32.71 -0.30
N ILE B 49 -5.92 -31.84 -1.27
CA ILE B 49 -5.47 -32.07 -2.62
C ILE B 49 -4.41 -31.08 -3.12
N VAL B 50 -3.34 -31.62 -3.69
CA VAL B 50 -2.31 -30.79 -4.27
C VAL B 50 -2.49 -30.96 -5.77
N SER B 51 -2.73 -29.86 -6.46
CA SER B 51 -2.92 -29.89 -7.90
C SER B 51 -1.68 -29.38 -8.63
N THR B 52 -1.12 -30.19 -9.51
CA THR B 52 0.08 -29.75 -10.21
C THR B 52 0.24 -30.31 -11.63
N ASP B 53 1.20 -29.74 -12.36
CA ASP B 53 1.49 -30.19 -13.72
C ASP B 53 2.77 -31.04 -13.79
N GLY B 54 3.61 -30.98 -12.76
CA GLY B 54 4.87 -31.72 -12.78
C GLY B 54 5.08 -32.89 -11.83
N GLY B 55 5.94 -33.82 -12.27
CA GLY B 55 6.24 -35.00 -11.48
C GLY B 55 7.00 -34.70 -10.20
N LEU B 56 7.86 -33.70 -10.23
CA LEU B 56 8.63 -33.35 -9.04
C LEU B 56 7.70 -32.84 -7.90
N ILE B 57 6.72 -32.01 -8.23
CA ILE B 57 5.77 -31.51 -7.22
C ILE B 57 4.93 -32.69 -6.68
N ALA B 58 4.46 -33.52 -7.61
CA ALA B 58 3.64 -34.68 -7.30
C ALA B 58 4.30 -35.60 -6.27
N GLU B 59 5.58 -35.91 -6.52
CA GLU B 59 6.38 -36.78 -5.66
C GLU B 59 6.51 -36.20 -4.25
N GLU B 60 6.68 -34.88 -4.19
CA GLU B 60 6.82 -34.17 -2.92
C GLU B 60 5.50 -34.23 -2.15
N ALA B 61 4.40 -34.01 -2.85
CA ALA B 61 3.09 -34.05 -2.23
C ALA B 61 2.81 -35.43 -1.67
N LYS B 62 3.07 -36.45 -2.48
CA LYS B 62 2.83 -37.82 -2.05
C LYS B 62 3.61 -38.14 -0.79
N ASN B 63 4.86 -37.68 -0.73
CA ASN B 63 5.70 -37.93 0.44
C ASN B 63 5.05 -37.33 1.67
N PHE B 64 4.21 -36.32 1.46
CA PHE B 64 3.53 -35.68 2.58
C PHE B 64 2.19 -36.30 2.94
N GLY B 65 1.87 -37.43 2.33
CA GLY B 65 0.62 -38.10 2.64
C GLY B 65 -0.68 -37.50 2.12
N VAL B 66 -0.61 -36.60 1.14
CA VAL B 66 -1.85 -36.04 0.60
C VAL B 66 -2.15 -36.50 -0.83
N GLU B 67 -3.35 -36.21 -1.28
CA GLU B 67 -3.77 -36.60 -2.62
C GLU B 67 -3.20 -35.71 -3.72
N VAL B 68 -2.97 -36.27 -4.90
CA VAL B 68 -2.47 -35.47 -6.00
C VAL B 68 -3.42 -35.49 -7.21
N VAL B 69 -3.64 -34.32 -7.79
CA VAL B 69 -4.44 -34.18 -8.98
C VAL B 69 -3.45 -33.66 -10.04
N LEU B 70 -3.41 -34.32 -11.17
CA LEU B 70 -2.52 -33.93 -12.26
C LEU B 70 -3.22 -32.96 -13.22
N ARG B 71 -2.71 -31.74 -13.28
CA ARG B 71 -3.28 -30.71 -14.14
C ARG B 71 -2.68 -30.72 -15.53
N PRO B 72 -3.51 -30.51 -16.56
CA PRO B 72 -3.02 -30.50 -17.94
C PRO B 72 -2.18 -29.24 -18.09
N ALA B 73 -1.23 -29.24 -19.01
CA ALA B 73 -0.39 -28.06 -19.22
C ALA B 73 -1.21 -26.77 -19.39
N GLU B 74 -2.28 -26.84 -20.17
CA GLU B 74 -3.13 -25.68 -20.43
C GLU B 74 -3.64 -25.03 -19.15
N LEU B 75 -3.93 -25.85 -18.14
CA LEU B 75 -4.40 -25.32 -16.86
C LEU B 75 -3.26 -24.94 -15.92
N ALA B 76 -2.03 -25.06 -16.39
CA ALA B 76 -0.87 -24.72 -15.56
C ALA B 76 0.03 -23.70 -16.22
N SER B 77 -0.49 -23.03 -17.25
CA SER B 77 0.27 -22.01 -17.97
C SER B 77 0.26 -20.70 -17.17
N ASP B 78 1.05 -19.73 -17.62
CA ASP B 78 1.14 -18.43 -16.95
C ASP B 78 -0.18 -17.68 -16.99
N THR B 79 -1.02 -17.99 -17.98
CA THR B 79 -2.31 -17.32 -18.13
C THR B 79 -3.47 -18.12 -17.54
N ALA B 80 -3.15 -19.21 -16.84
CA ALA B 80 -4.17 -20.08 -16.26
C ALA B 80 -4.69 -19.49 -14.95
N SER B 81 -6.00 -19.26 -14.90
CA SER B 81 -6.61 -18.72 -13.68
C SER B 81 -6.61 -19.76 -12.54
N SER B 82 -6.40 -19.28 -11.31
CA SER B 82 -6.44 -20.19 -10.17
C SER B 82 -7.84 -20.76 -10.01
N ILE B 83 -8.87 -19.98 -10.32
CA ILE B 83 -10.22 -20.51 -10.15
C ILE B 83 -10.41 -21.75 -11.03
N SER B 84 -10.01 -21.68 -12.30
CA SER B 84 -10.13 -22.84 -13.18
C SER B 84 -9.34 -24.02 -12.59
N GLY B 85 -8.25 -23.70 -11.91
CA GLY B 85 -7.44 -24.74 -11.28
C GLY B 85 -8.24 -25.45 -10.21
N VAL B 86 -8.89 -24.69 -9.34
CA VAL B 86 -9.68 -25.28 -8.26
C VAL B 86 -10.90 -26.03 -8.77
N ILE B 87 -11.55 -25.50 -9.82
CA ILE B 87 -12.72 -26.17 -10.39
C ILE B 87 -12.31 -27.53 -10.93
N HIS B 88 -11.19 -27.58 -11.64
CA HIS B 88 -10.72 -28.83 -12.20
C HIS B 88 -10.43 -29.85 -11.09
N ALA B 89 -9.83 -29.38 -9.99
CA ALA B 89 -9.54 -30.27 -8.88
C ALA B 89 -10.80 -30.88 -8.27
N LEU B 90 -11.83 -30.06 -8.07
CA LEU B 90 -13.08 -30.55 -7.47
C LEU B 90 -13.79 -31.54 -8.41
N GLU B 91 -13.67 -31.30 -9.71
CA GLU B 91 -14.30 -32.19 -10.70
C GLU B 91 -13.53 -33.51 -10.71
N THR B 92 -12.20 -33.41 -10.66
CA THR B 92 -11.38 -34.62 -10.67
C THR B 92 -11.73 -35.56 -9.51
N ILE B 93 -11.87 -35.04 -8.30
CA ILE B 93 -12.19 -35.92 -7.18
C ILE B 93 -13.69 -36.11 -7.00
N GLY B 94 -14.48 -35.43 -7.83
CA GLY B 94 -15.94 -35.54 -7.77
C GLY B 94 -16.61 -34.99 -6.52
N SER B 95 -16.28 -33.77 -6.15
CA SER B 95 -16.90 -33.14 -4.98
C SER B 95 -17.61 -31.84 -5.37
N ASN B 96 -18.81 -31.64 -4.88
CA ASN B 96 -19.54 -30.41 -5.16
C ASN B 96 -20.32 -29.89 -3.95
N SER B 97 -20.11 -30.52 -2.79
CA SER B 97 -20.80 -30.09 -1.57
C SER B 97 -19.90 -30.06 -0.36
N GLY B 98 -19.97 -28.94 0.36
CA GLY B 98 -19.17 -28.74 1.54
C GLY B 98 -18.46 -27.41 1.41
N THR B 99 -17.18 -27.39 1.76
CA THR B 99 -16.36 -26.19 1.65
C THR B 99 -15.08 -26.54 0.90
N VAL B 100 -14.55 -25.58 0.16
CA VAL B 100 -13.30 -25.77 -0.57
C VAL B 100 -12.41 -24.58 -0.20
N THR B 101 -11.21 -24.88 0.28
CA THR B 101 -10.28 -23.81 0.67
C THR B 101 -9.03 -23.79 -0.18
N LEU B 102 -8.74 -22.64 -0.76
CA LEU B 102 -7.52 -22.51 -1.56
C LEU B 102 -6.40 -22.07 -0.62
N LEU B 103 -5.30 -22.82 -0.64
CA LEU B 103 -4.12 -22.55 0.19
C LEU B 103 -2.85 -22.47 -0.66
N GLN B 104 -2.39 -21.26 -0.95
CA GLN B 104 -1.21 -21.10 -1.78
C GLN B 104 0.10 -21.35 -1.02
N PRO B 105 1.03 -22.10 -1.62
CA PRO B 105 2.30 -22.34 -0.91
C PRO B 105 3.16 -21.09 -0.75
N THR B 106 2.85 -20.04 -1.51
CA THR B 106 3.58 -18.79 -1.43
C THR B 106 3.34 -18.00 -0.14
N SER B 107 2.51 -18.55 0.76
CA SER B 107 2.23 -17.91 2.04
C SER B 107 2.65 -18.92 3.10
N PRO B 108 3.96 -19.24 3.17
CA PRO B 108 4.53 -20.20 4.12
C PRO B 108 4.41 -19.93 5.61
N LEU B 109 4.13 -18.69 6.01
CA LEU B 109 3.99 -18.41 7.44
C LEU B 109 2.55 -18.58 7.91
N ARG B 110 1.66 -18.97 7.00
CA ARG B 110 0.27 -19.20 7.36
C ARG B 110 0.17 -20.63 7.95
N THR B 111 -0.07 -20.71 9.25
CA THR B 111 -0.15 -21.96 10.00
C THR B 111 -1.51 -22.65 10.07
N GLY B 112 -1.50 -23.87 10.62
CA GLY B 112 -2.72 -24.61 10.79
C GLY B 112 -3.64 -23.84 11.72
N ALA B 113 -3.05 -23.20 12.73
CA ALA B 113 -3.79 -22.40 13.70
C ALA B 113 -4.50 -21.28 12.96
N HIS B 114 -3.81 -20.67 12.00
CA HIS B 114 -4.38 -19.59 11.19
C HIS B 114 -5.59 -20.11 10.43
N ILE B 115 -5.41 -21.25 9.76
CA ILE B 115 -6.49 -21.82 8.98
C ILE B 115 -7.71 -22.11 9.86
N ARG B 116 -7.46 -22.76 10.99
CA ARG B 116 -8.53 -23.12 11.91
C ARG B 116 -9.30 -21.90 12.40
N GLU B 117 -8.58 -20.84 12.78
CA GLU B 117 -9.26 -19.65 13.26
C GLU B 117 -10.07 -19.02 12.13
N ALA B 118 -9.50 -19.01 10.93
CA ALA B 118 -10.18 -18.45 9.78
C ALA B 118 -11.44 -19.25 9.48
N PHE B 119 -11.39 -20.55 9.80
CA PHE B 119 -12.53 -21.43 9.57
C PHE B 119 -13.68 -21.16 10.52
N SER B 120 -13.37 -20.73 11.74
CA SER B 120 -14.43 -20.47 12.72
C SER B 120 -15.30 -19.30 12.29
N LEU B 121 -14.82 -18.52 11.32
CA LEU B 121 -15.55 -17.38 10.81
C LEU B 121 -16.54 -17.77 9.69
N PHE B 122 -16.32 -18.92 9.06
CA PHE B 122 -17.21 -19.34 7.98
C PHE B 122 -18.61 -19.62 8.47
N ASP B 123 -19.59 -18.96 7.87
CA ASP B 123 -21.00 -19.14 8.23
C ASP B 123 -21.67 -20.16 7.30
N GLU B 124 -21.97 -21.34 7.84
CA GLU B 124 -22.61 -22.39 7.06
C GLU B 124 -23.95 -21.98 6.43
N LYS B 125 -24.70 -21.13 7.12
CA LYS B 125 -26.00 -20.70 6.62
C LYS B 125 -25.91 -19.62 5.56
N ILE B 126 -25.07 -18.62 5.78
CA ILE B 126 -24.95 -17.53 4.84
C ILE B 126 -24.02 -17.85 3.67
N LYS B 127 -22.99 -18.65 3.94
CA LYS B 127 -22.04 -19.10 2.93
C LYS B 127 -21.19 -18.05 2.21
N GLY B 128 -20.91 -16.93 2.88
CA GLY B 128 -20.05 -15.93 2.27
C GLY B 128 -18.61 -16.42 2.38
N SER B 129 -17.69 -15.82 1.63
CA SER B 129 -16.29 -16.22 1.68
C SER B 129 -15.61 -15.76 2.97
N VAL B 130 -14.53 -16.44 3.33
CA VAL B 130 -13.71 -16.04 4.47
C VAL B 130 -12.34 -15.94 3.81
N VAL B 131 -11.84 -14.71 3.73
CA VAL B 131 -10.57 -14.45 3.09
C VAL B 131 -9.57 -13.88 4.08
N SER B 132 -8.34 -14.42 4.13
CA SER B 132 -7.35 -13.86 5.05
C SER B 132 -6.86 -12.54 4.48
N ALA B 133 -6.63 -11.57 5.36
CA ALA B 133 -6.17 -10.26 4.94
C ALA B 133 -5.27 -9.58 5.98
N CYS B 134 -4.51 -8.58 5.55
CA CYS B 134 -3.64 -7.85 6.46
C CYS B 134 -3.81 -6.34 6.28
N PRO B 135 -3.51 -5.57 7.35
CA PRO B 135 -3.65 -4.11 7.27
C PRO B 135 -2.81 -3.50 6.14
N MSE B 136 -3.27 -2.36 5.63
CA MSE B 136 -2.61 -1.63 4.55
C MSE B 136 -1.66 -0.56 5.10
O MSE B 136 -2.04 0.18 6.00
CB MSE B 136 -3.67 -0.92 3.70
CG MSE B 136 -4.54 -1.81 2.80
SE MSE B 136 -3.78 -2.01 1.18
CE MSE B 136 -4.10 -0.43 0.38
N GLU B 137 -0.46 -0.48 4.56
CA GLU B 137 0.51 0.53 5.01
C GLU B 137 0.00 1.91 4.59
N HIS B 138 -0.45 2.03 3.34
CA HIS B 138 -0.98 3.27 2.82
C HIS B 138 -2.48 3.09 2.66
N HIS B 139 -3.24 3.98 3.26
CA HIS B 139 -4.69 3.90 3.23
C HIS B 139 -5.28 4.06 1.82
N PRO B 140 -6.03 3.05 1.35
CA PRO B 140 -6.66 3.06 0.03
C PRO B 140 -7.63 4.22 -0.26
N LEU B 141 -8.16 4.86 0.77
CA LEU B 141 -9.06 5.98 0.55
C LEU B 141 -8.25 7.24 0.26
N LYS B 142 -6.97 7.23 0.63
CA LYS B 142 -6.12 8.38 0.36
C LYS B 142 -5.31 8.14 -0.91
N THR B 143 -6.02 7.85 -1.99
CA THR B 143 -5.41 7.60 -3.29
C THR B 143 -6.27 8.25 -4.36
N LEU B 144 -5.81 8.19 -5.61
CA LEU B 144 -6.54 8.72 -6.77
C LEU B 144 -6.37 7.74 -7.93
N LEU B 145 -7.40 7.63 -8.76
CA LEU B 145 -7.37 6.73 -9.92
C LEU B 145 -7.34 7.52 -11.21
N GLN B 146 -6.54 7.05 -12.16
CA GLN B 146 -6.41 7.70 -13.46
C GLN B 146 -7.64 7.40 -14.30
N ILE B 147 -8.21 8.44 -14.90
CA ILE B 147 -9.40 8.30 -15.74
C ILE B 147 -9.26 9.00 -17.10
N ASN B 148 -8.44 10.05 -17.14
CA ASN B 148 -8.21 10.83 -18.37
C ASN B 148 -9.49 11.24 -19.10
N GLU B 151 -7.58 14.13 -15.47
CA GLU B 151 -6.79 12.90 -15.57
C GLU B 151 -6.91 11.98 -14.35
N TYR B 152 -7.03 12.54 -13.15
CA TYR B 152 -7.15 11.71 -11.94
C TYR B 152 -8.31 12.15 -11.05
N ALA B 153 -8.89 11.19 -10.34
CA ALA B 153 -10.01 11.47 -9.45
C ALA B 153 -9.80 10.73 -8.13
N PRO B 154 -10.20 11.35 -7.01
CA PRO B 154 -10.01 10.71 -5.70
C PRO B 154 -10.79 9.39 -5.59
N MSE B 155 -10.29 8.48 -4.75
CA MSE B 155 -10.94 7.20 -4.54
C MSE B 155 -12.39 7.44 -4.11
O MSE B 155 -13.32 6.79 -4.61
CB MSE B 155 -10.22 6.39 -3.46
CG MSE B 155 -10.84 5.03 -3.17
SE MSE B 155 -10.77 3.94 -4.63
CE MSE B 155 -9.11 3.36 -4.57
N ARG B 156 -12.56 8.37 -3.18
CA ARG B 156 -13.90 8.69 -2.68
C ARG B 156 -14.12 10.21 -2.71
N HIS B 157 -13.67 10.89 -1.66
CA HIS B 157 -13.81 12.34 -1.56
C HIS B 157 -12.41 12.96 -1.51
N LEU B 158 -12.30 14.25 -1.84
CA LEU B 158 -11.01 14.94 -1.79
C LEU B 158 -10.62 15.07 -0.33
N SER B 159 -11.61 15.33 0.51
CA SER B 159 -11.38 15.49 1.93
C SER B 159 -10.68 14.27 2.51
N ASP B 160 -10.93 13.10 1.94
CA ASP B 160 -10.30 11.87 2.42
C ASP B 160 -8.78 11.98 2.35
N LEU B 161 -8.29 12.61 1.29
CA LEU B 161 -6.85 12.78 1.09
C LEU B 161 -6.17 13.58 2.19
N GLU B 162 -6.93 14.38 2.92
CA GLU B 162 -6.38 15.20 3.99
C GLU B 162 -6.79 14.71 5.37
N GLN B 163 -7.60 13.66 5.41
CA GLN B 163 -8.08 13.09 6.67
C GLN B 163 -7.07 12.16 7.32
N PRO B 164 -6.90 12.26 8.65
CA PRO B 164 -5.95 11.40 9.38
C PRO B 164 -6.55 10.00 9.55
N ARG B 165 -5.70 8.97 9.46
CA ARG B 165 -6.18 7.58 9.57
C ARG B 165 -7.31 7.32 10.57
N GLN B 166 -7.09 7.69 11.83
CA GLN B 166 -8.08 7.49 12.88
C GLN B 166 -9.50 7.94 12.57
N GLN B 167 -9.65 8.90 11.65
CA GLN B 167 -10.96 9.39 11.26
C GLN B 167 -11.56 8.54 10.13
N LEU B 168 -10.71 7.75 9.48
CA LEU B 168 -11.14 6.89 8.37
C LEU B 168 -11.33 5.43 8.78
N PRO B 169 -12.14 4.69 8.00
CA PRO B 169 -12.42 3.28 8.27
C PRO B 169 -11.13 2.43 8.26
N GLN B 170 -11.19 1.27 8.90
CA GLN B 170 -10.04 0.37 8.93
C GLN B 170 -9.92 -0.23 7.54
N ALA B 171 -8.70 -0.22 6.99
CA ALA B 171 -8.45 -0.74 5.64
C ALA B 171 -7.63 -2.03 5.66
N PHE B 172 -8.05 -3.01 4.86
CA PHE B 172 -7.39 -4.31 4.77
C PHE B 172 -7.32 -4.85 3.36
N ARG B 173 -6.27 -5.60 3.05
CA ARG B 173 -6.14 -6.19 1.72
C ARG B 173 -5.92 -7.70 1.85
N PRO B 174 -6.54 -8.49 0.97
CA PRO B 174 -6.39 -9.96 0.99
C PRO B 174 -4.89 -10.25 0.83
N ASN B 175 -4.39 -11.26 1.53
CA ASN B 175 -2.98 -11.58 1.45
C ASN B 175 -2.66 -12.84 0.66
N GLY B 176 -3.70 -13.50 0.15
CA GLY B 176 -3.54 -14.69 -0.66
C GLY B 176 -3.26 -16.00 0.06
N ALA B 177 -3.20 -15.99 1.39
CA ALA B 177 -2.90 -17.19 2.15
C ALA B 177 -4.07 -18.16 2.29
N ILE B 178 -5.27 -17.61 2.43
CA ILE B 178 -6.45 -18.42 2.64
C ILE B 178 -7.72 -17.85 1.99
N TYR B 179 -8.44 -18.70 1.25
CA TYR B 179 -9.74 -18.34 0.64
C TYR B 179 -10.66 -19.54 0.87
N ILE B 180 -11.59 -19.40 1.81
CA ILE B 180 -12.56 -20.45 2.16
C ILE B 180 -13.93 -20.12 1.54
N ASN B 181 -14.56 -21.10 0.91
CA ASN B 181 -15.87 -20.87 0.29
C ASN B 181 -16.75 -22.11 0.39
N ASP B 182 -18.04 -21.88 0.25
CA ASP B 182 -19.02 -22.96 0.21
C ASP B 182 -18.75 -23.53 -1.20
N THR B 183 -18.56 -24.84 -1.29
CA THR B 183 -18.24 -25.47 -2.57
C THR B 183 -19.24 -25.18 -3.71
N ALA B 184 -20.53 -25.41 -3.48
CA ALA B 184 -21.51 -25.16 -4.53
C ALA B 184 -21.49 -23.71 -4.98
N SER B 185 -21.27 -22.79 -4.03
CA SER B 185 -21.26 -21.37 -4.37
C SER B 185 -20.09 -21.01 -5.25
N LEU B 186 -18.91 -21.55 -4.95
CA LEU B 186 -17.72 -21.28 -5.75
C LEU B 186 -17.92 -21.83 -7.17
N ILE B 187 -18.49 -23.03 -7.28
CA ILE B 187 -18.73 -23.62 -8.60
C ILE B 187 -19.73 -22.75 -9.40
N ALA B 188 -20.81 -22.33 -8.73
CA ALA B 188 -21.83 -21.51 -9.36
C ALA B 188 -21.32 -20.12 -9.73
N ASN B 189 -20.54 -19.51 -8.84
CA ASN B 189 -20.00 -18.18 -9.07
C ASN B 189 -18.72 -18.14 -9.90
N ASN B 190 -17.96 -19.23 -9.87
CA ASN B 190 -16.69 -19.30 -10.58
C ASN B 190 -15.71 -18.18 -10.16
N CYS B 191 -15.59 -17.98 -8.86
CA CYS B 191 -14.67 -16.98 -8.33
C CYS B 191 -14.52 -17.23 -6.84
N PHE B 192 -13.46 -16.68 -6.26
CA PHE B 192 -13.14 -16.88 -4.84
C PHE B 192 -13.80 -15.91 -3.85
N PHE B 193 -14.27 -14.76 -4.33
CA PHE B 193 -14.93 -13.79 -3.45
C PHE B 193 -16.43 -13.84 -3.64
N ILE B 194 -17.11 -14.29 -2.60
CA ILE B 194 -18.56 -14.42 -2.62
C ILE B 194 -19.18 -13.67 -1.43
N ALA B 195 -20.08 -12.74 -1.73
CA ALA B 195 -20.75 -11.96 -0.70
C ALA B 195 -21.62 -12.87 0.11
N PRO B 196 -21.73 -12.65 1.43
CA PRO B 196 -21.05 -11.58 2.18
C PRO B 196 -19.68 -12.04 2.60
N THR B 197 -18.65 -11.44 2.01
CA THR B 197 -17.29 -11.82 2.32
C THR B 197 -16.82 -11.34 3.71
N LYS B 198 -16.29 -12.26 4.50
CA LYS B 198 -15.78 -11.97 5.84
C LYS B 198 -14.25 -12.07 5.82
N LEU B 199 -13.59 -11.34 6.71
CA LEU B 199 -12.15 -11.35 6.71
C LEU B 199 -11.53 -11.95 7.96
N TYR B 200 -10.37 -12.59 7.77
CA TYR B 200 -9.61 -13.15 8.85
C TYR B 200 -8.36 -12.30 8.84
N ILE B 201 -8.16 -11.50 9.88
CA ILE B 201 -6.99 -10.62 9.93
C ILE B 201 -5.71 -11.28 10.40
N MSE B 202 -4.66 -11.11 9.60
CA MSE B 202 -3.35 -11.66 9.90
C MSE B 202 -2.34 -10.51 9.94
O MSE B 202 -2.50 -9.50 9.25
CB MSE B 202 -2.95 -12.66 8.81
CG MSE B 202 -3.87 -13.85 8.71
SE MSE B 202 -3.33 -15.06 7.48
CE MSE B 202 -1.80 -15.66 8.23
N SER B 203 -1.30 -10.64 10.76
CA SER B 203 -0.30 -9.59 10.86
C SER B 203 0.48 -9.53 9.55
N HIS B 204 1.26 -8.46 9.38
CA HIS B 204 2.08 -8.28 8.18
C HIS B 204 3.14 -9.35 8.07
N GLN B 205 3.70 -9.72 9.22
CA GLN B 205 4.74 -10.72 9.27
C GLN B 205 4.29 -12.09 8.75
N ASP B 206 3.17 -12.58 9.28
CA ASP B 206 2.64 -13.88 8.88
C ASP B 206 2.02 -13.86 7.49
N SER B 207 1.81 -12.67 6.94
CA SER B 207 1.21 -12.52 5.62
C SER B 207 2.26 -12.48 4.51
N ILE B 208 3.52 -12.71 4.87
CA ILE B 208 4.59 -12.67 3.88
C ILE B 208 4.29 -13.59 2.71
N ASP B 209 4.51 -13.08 1.50
CA ASP B 209 4.24 -13.84 0.28
C ASP B 209 5.53 -14.03 -0.52
N ILE B 210 5.96 -15.28 -0.66
CA ILE B 210 7.20 -15.58 -1.38
C ILE B 210 7.14 -15.34 -2.89
N ASP B 211 7.98 -14.44 -3.37
CA ASP B 211 8.04 -14.15 -4.79
C ASP B 211 9.49 -14.08 -5.29
N THR B 212 10.39 -13.62 -4.43
CA THR B 212 11.81 -13.49 -4.78
C THR B 212 12.72 -14.23 -3.80
N GLU B 213 14.00 -14.26 -4.12
CA GLU B 213 14.99 -14.92 -3.27
C GLU B 213 15.05 -14.20 -1.93
N LEU B 214 14.84 -12.88 -1.95
CA LEU B 214 14.86 -12.09 -0.72
C LEU B 214 13.73 -12.51 0.22
N ASP B 215 12.52 -12.59 -0.32
CA ASP B 215 11.35 -13.00 0.46
C ASP B 215 11.64 -14.32 1.18
N LEU B 216 12.32 -15.23 0.47
CA LEU B 216 12.63 -16.52 1.06
C LEU B 216 13.50 -16.38 2.32
N GLN B 217 14.56 -15.58 2.24
CA GLN B 217 15.43 -15.37 3.40
C GLN B 217 14.69 -14.66 4.52
N GLN B 218 13.99 -13.59 4.15
CA GLN B 218 13.23 -12.81 5.12
C GLN B 218 12.28 -13.68 5.92
N ALA B 219 11.50 -14.50 5.24
CA ALA B 219 10.55 -15.38 5.90
C ALA B 219 11.27 -16.46 6.69
N GLU B 220 12.44 -16.87 6.20
CA GLU B 220 13.24 -17.89 6.89
C GLU B 220 13.78 -17.36 8.21
N ASN B 221 13.83 -16.03 8.34
CA ASN B 221 14.30 -15.39 9.57
C ASN B 221 13.16 -15.22 10.57
N ILE B 222 12.02 -14.79 10.06
CA ILE B 222 10.84 -14.59 10.90
C ILE B 222 10.54 -15.86 11.70
N LEU B 223 11.07 -16.98 11.25
CA LEU B 223 10.85 -18.25 11.95
C LEU B 223 11.60 -18.31 13.27
O3B CDP C . 8.51 14.36 13.24
O3B CDP C . 5.05 11.73 7.03
PB CDP C . 7.18 14.01 12.59
PB CDP C . 5.93 11.73 8.31
O1B CDP C . 7.15 12.48 12.19
O1B CDP C . 5.09 11.22 9.55
O2B CDP C . 6.02 14.47 13.49
O2B CDP C . 7.23 10.95 8.02
O3A CDP C . 7.19 14.88 11.32
O3A CDP C . 6.32 13.21 8.49
PA CDP C . 6.18 14.41 10.26
PA CDP C . 5.21 14.12 9.09
O1A CDP C . 6.82 13.26 9.41
O1A CDP C . 3.86 14.02 8.26
O2A CDP C . 4.82 14.11 10.90
O2A CDP C . 5.09 13.88 10.61
O5' CDP C . 5.99 15.69 9.33
O5' CDP C . 5.79 15.60 8.89
C5' CDP C . 6.67 15.86 8.07
C5' CDP C . 6.38 16.04 7.66
C4' CDP C . 7.51 17.15 8.03
C4' CDP C . 7.35 17.23 7.85
O4' CDP C . 6.67 18.23 8.20
O4' CDP C . 6.59 18.36 8.10
C3' CDP C . 8.60 17.22 9.09
C3' CDP C . 8.35 17.06 8.97
O3' CDP C . 9.74 17.89 8.55
O3' CDP C . 9.60 17.66 8.59
C2' CDP C . 7.90 18.04 10.18
C2' CDP C . 7.67 17.82 10.11
O2' CDP C . 8.80 18.76 11.03
O2' CDP C . 8.58 18.35 11.09
C1' CDP C . 7.00 18.97 9.37
C1' CDP C . 6.92 18.93 9.36
N1 CDP C . 5.81 19.39 10.08
N1 CDP C . 5.74 19.39 10.06
C2 CDP C . 5.78 20.63 10.79
C2 CDP C . 5.75 20.60 10.82
O2 CDP C . 6.86 21.38 10.87
O2 CDP C . 6.87 21.28 10.94
N3 CDP C . 4.65 21.06 11.42
N3 CDP C . 4.65 21.06 11.44
C4 CDP C . 3.48 20.35 11.41
C4 CDP C . 3.44 20.41 11.38
N4 CDP C . 2.37 20.81 12.03
N4 CDP C . 2.34 20.90 12.01
C5 CDP C . 3.48 19.16 10.74
C5 CDP C . 3.38 19.25 10.67
C6 CDP C . 4.52 18.67 10.09
C6 CDP C . 4.42 18.72 10.02
O3B CDP D . 2.15 -14.22 -5.48
O3B CDP D . 2.28 -18.63 -10.44
PB CDP D . 3.26 -14.83 -6.34
PB CDP D . 3.33 -17.57 -10.10
O1B CDP D . 3.40 -14.02 -7.70
O1B CDP D . 4.74 -18.26 -10.03
O2B CDP D . 4.56 -14.93 -5.52
O2B CDP D . 3.24 -16.38 -11.10
O3A CDP D . 2.78 -16.27 -6.63
O3A CDP D . 2.96 -17.07 -8.68
PA CDP D . 1.62 -16.36 -7.64
PA CDP D . 1.50 -16.57 -8.52
O1A CDP D . 0.47 -15.31 -7.31
O1A CDP D . 1.46 -15.32 -7.55
O2A CDP D . 2.17 -16.28 -9.07
O2A CDP D . 0.81 -16.33 -9.88
O5' CDP D . 1.03 -17.83 -7.42
O5' CDP D . 0.78 -17.81 -7.81
C5' CDP D . 0.64 -18.33 -6.12
C5' CDP D . 0.92 -18.08 -6.40
C4' CDP D . 0.69 -19.86 -6.04
C4' CDP D . 0.96 -19.59 -6.07
O4' CDP D . -0.33 -20.35 -6.83
O4' CDP D . -0.14 -20.20 -6.65
C3' CDP D . 2.00 -20.48 -6.50
C3' CDP D . 2.21 -20.31 -6.53
O3' CDP D . 2.31 -21.62 -5.69
O3' CDP D . 2.49 -21.40 -5.65
C2' CDP D . 1.65 -20.88 -7.93
C2' CDP D . 1.74 -20.80 -7.91
O2' CDP D . 2.45 -21.94 -8.48
O2' CDP D . 2.51 -21.90 -8.44
C1' CDP D . 0.19 -21.27 -7.79
C1' CDP D . 0.30 -21.16 -7.63
N1 CDP D . -0.53 -21.19 -9.04
N1 CDP D . -0.56 -21.14 -8.81
C2 CDP D . -0.94 -22.39 -9.70
C2 CDP D . -0.86 -22.34 -9.50
O2 CDP D . -0.64 -23.56 -9.16
O2 CDP D . -0.32 -23.48 -9.09
N3 CDP D . -1.64 -22.35 -10.85
N3 CDP D . -1.67 -22.37 -10.57
C4 CDP D . -1.99 -21.19 -11.48
C4 CDP D . -2.27 -21.24 -11.07
N4 CDP D . -2.69 -21.21 -12.62
N4 CDP D . -3.09 -21.28 -12.14
C5 CDP D . -1.60 -20.02 -10.88
C5 CDP D . -1.99 -20.06 -10.43
C6 CDP D . -0.93 -19.96 -9.75
C6 CDP D . -1.21 -19.96 -9.37
#